data_9M11
#
_entry.id   9M11
#
_cell.length_a   152.590
_cell.length_b   45.150
_cell.length_c   42.360
_cell.angle_alpha   90.000
_cell.angle_beta   98.460
_cell.angle_gamma   90.000
#
_symmetry.space_group_name_H-M   'C 1 2 1'
#
loop_
_entity.id
_entity.type
_entity.pdbx_description
1 polymer 'Vitamin D3 receptor'
2 polymer 'Mediator of RNA polymerase II transcription subunit 1'
3 non-polymer '(4~{S})-5-[2-chloranyl-4-[[3-chloranyl-4-(2-ethyl-2-oxidanyl-butoxy)phenyl]-dimethyl-silyl]phenoxy]-4-oxidanyl-pentanoic acid'
4 water water
#
loop_
_entity_poly.entity_id
_entity_poly.type
_entity_poly.pdbx_seq_one_letter_code
_entity_poly.pdbx_strand_id
1 'polypeptide(L)'
;GSHMGSPNSPLKDSLRPKLSEEQQHIIAILLDAHHKTYDPTYADFRDFRPPVRMDGSTGSVTLDLSPLSMLPHLADLVSY
SIQKVIGFAKMIPGFRDLTSDDQIVLLKSSAIEVIMLRSNQSFTMDDMSWDCGSQDYKYDVTDVSKAGHTLELIEPLIKF
QVGLKKLNLHEEEHVLLMAICIVSPDRPGVQDAKLVEAIQDRLSNTLQTYIRCRHPPPGSHQLYAKMIQKLADLRSLNEE
HSKQYRSLSFQPENSMKLTPLVLEVFGNEIS
;
A
2 'polypeptide(L)' KNHPMLMNLLKDN C
#
loop_
_chem_comp.id
_chem_comp.type
_chem_comp.name
_chem_comp.formula
A1L7Y non-polymer '(4~{S})-5-[2-chloranyl-4-[[3-chloranyl-4-(2-ethyl-2-oxidanyl-butoxy)phenyl]-dimethyl-silyl]phenoxy]-4-oxidanyl-pentanoic acid' 'C25 H34 Cl2 O6 Si'
#
# COMPACT_ATOMS: atom_id res chain seq x y z
N LYS A 18 26.15 -9.21 -10.61
CA LYS A 18 25.82 -10.17 -9.56
C LYS A 18 24.34 -10.50 -9.61
N LEU A 19 23.59 -9.70 -10.37
CA LEU A 19 22.16 -9.90 -10.55
C LEU A 19 21.92 -11.05 -11.52
N SER A 20 21.30 -12.12 -11.04
CA SER A 20 21.03 -13.29 -11.87
C SER A 20 19.99 -12.97 -12.94
N GLU A 21 19.81 -13.91 -13.86
CA GLU A 21 18.75 -13.77 -14.86
C GLU A 21 17.37 -13.89 -14.23
N GLU A 22 17.22 -14.74 -13.21
CA GLU A 22 15.95 -14.83 -12.50
C GLU A 22 15.64 -13.55 -11.75
N GLN A 23 16.65 -12.99 -11.07
CA GLN A 23 16.44 -11.74 -10.34
C GLN A 23 16.20 -10.58 -11.30
N GLN A 24 16.88 -10.57 -12.44
CA GLN A 24 16.66 -9.51 -13.43
C GLN A 24 15.27 -9.61 -14.05
N HIS A 25 14.72 -10.82 -14.16
CA HIS A 25 13.38 -10.98 -14.69
C HIS A 25 12.32 -10.61 -13.66
N ILE A 26 12.56 -10.94 -12.39
CA ILE A 26 11.65 -10.53 -11.32
C ILE A 26 11.55 -9.01 -11.27
N ILE A 27 12.68 -8.31 -11.43
CA ILE A 27 12.69 -6.86 -11.36
C ILE A 27 11.94 -6.25 -12.55
N ALA A 28 12.16 -6.79 -13.75
CA ALA A 28 11.48 -6.27 -14.93
C ALA A 28 9.98 -6.46 -14.83
N ILE A 29 9.54 -7.59 -14.26
CA ILE A 29 8.11 -7.85 -14.13
C ILE A 29 7.48 -6.87 -13.15
N LEU A 30 8.11 -6.67 -11.99
CA LEU A 30 7.54 -5.79 -10.97
C LEU A 30 7.51 -4.35 -11.44
N LEU A 31 8.54 -3.91 -12.17
CA LEU A 31 8.52 -2.56 -12.74
C LEU A 31 7.43 -2.44 -13.79
N ASP A 32 7.28 -3.47 -14.64
CA ASP A 32 6.19 -3.48 -15.61
C ASP A 32 4.84 -3.46 -14.91
N ALA A 33 4.70 -4.23 -13.83
CA ALA A 33 3.44 -4.27 -13.09
C ALA A 33 3.12 -2.91 -12.47
N HIS A 34 4.14 -2.25 -11.92
CA HIS A 34 3.92 -0.94 -11.30
C HIS A 34 3.54 0.11 -12.32
N HIS A 35 4.19 0.09 -13.48
CA HIS A 35 3.89 1.06 -14.53
C HIS A 35 2.47 0.88 -15.06
N LYS A 36 1.96 -0.35 -15.04
CA LYS A 36 0.59 -0.62 -15.48
C LYS A 36 -0.45 -0.24 -14.45
N THR A 37 -0.07 -0.16 -13.17
CA THR A 37 -1.02 0.05 -12.09
C THR A 37 -0.85 1.40 -11.40
N TYR A 38 -0.02 2.29 -11.92
CA TYR A 38 0.16 3.62 -11.34
C TYR A 38 0.19 4.64 -12.46
N ASP A 39 -0.78 5.56 -12.44
CA ASP A 39 -0.85 6.62 -13.43
C ASP A 39 -0.34 7.91 -12.79
N PRO A 40 0.85 8.39 -13.17
CA PRO A 40 1.36 9.65 -12.58
C PRO A 40 0.62 10.89 -13.06
N THR A 41 -0.27 10.78 -14.04
CA THR A 41 -1.08 11.92 -14.44
C THR A 41 -2.26 12.15 -13.50
N TYR A 42 -2.68 11.12 -12.76
CA TYR A 42 -3.81 11.20 -11.85
C TYR A 42 -5.08 11.68 -12.55
N ALA A 43 -5.21 11.31 -13.84
CA ALA A 43 -6.39 11.72 -14.61
C ALA A 43 -7.67 11.11 -14.07
N ASP A 44 -7.60 9.88 -13.56
CA ASP A 44 -8.81 9.19 -13.09
C ASP A 44 -9.41 9.84 -11.84
N PHE A 45 -8.70 10.76 -11.20
CA PHE A 45 -9.26 11.45 -10.04
C PHE A 45 -10.47 12.29 -10.41
N ARG A 46 -10.61 12.67 -11.69
CA ARG A 46 -11.75 13.48 -12.11
C ARG A 46 -13.07 12.76 -11.90
N ASP A 47 -13.07 11.44 -11.94
CA ASP A 47 -14.29 10.65 -11.83
C ASP A 47 -14.67 10.32 -10.39
N PHE A 48 -13.84 10.69 -9.43
CA PHE A 48 -14.22 10.51 -8.03
C PHE A 48 -15.30 11.53 -7.65
N ARG A 49 -15.93 11.28 -6.50
CA ARG A 49 -16.77 12.30 -5.93
C ARG A 49 -15.92 13.51 -5.55
N PRO A 50 -16.37 14.73 -5.83
CA PRO A 50 -15.50 15.89 -5.68
C PRO A 50 -15.10 16.07 -4.23
N PRO A 51 -13.90 16.59 -3.98
CA PRO A 51 -13.50 16.89 -2.61
C PRO A 51 -14.11 18.19 -2.11
N VAL A 52 -14.59 18.16 -0.87
CA VAL A 52 -15.16 19.33 -0.21
C VAL A 52 -14.28 19.64 0.98
N ARG A 53 -13.61 20.80 0.94
CA ARG A 53 -12.71 21.19 2.03
C ARG A 53 -13.41 22.07 3.06
N MET A 54 -14.30 22.96 2.62
CA MET A 54 -15.08 23.76 3.54
C MET A 54 -16.51 23.93 3.03
N SER A 66 -21.59 15.00 7.86
CA SER A 66 -21.62 16.43 7.57
C SER A 66 -20.26 17.11 7.79
N PRO A 67 -19.63 16.94 8.96
CA PRO A 67 -18.29 17.51 9.14
C PRO A 67 -17.21 16.72 8.43
N LEU A 68 -17.45 15.46 8.09
CA LEU A 68 -16.50 14.63 7.37
C LEU A 68 -16.62 14.87 5.87
N SER A 69 -16.32 16.10 5.46
CA SER A 69 -16.57 16.53 4.09
C SER A 69 -15.65 15.86 3.08
N MET A 70 -14.53 15.30 3.53
CA MET A 70 -13.60 14.63 2.63
C MET A 70 -13.76 13.11 2.61
N LEU A 71 -14.71 12.58 3.37
CA LEU A 71 -14.93 11.13 3.37
C LEU A 71 -15.35 10.59 2.01
N PRO A 72 -16.31 11.20 1.29
CA PRO A 72 -16.66 10.63 -0.03
C PRO A 72 -15.51 10.62 -1.02
N HIS A 73 -14.79 11.73 -1.16
CA HIS A 73 -13.70 11.78 -2.13
C HIS A 73 -12.59 10.80 -1.76
N LEU A 74 -12.19 10.77 -0.49
CA LEU A 74 -11.11 9.88 -0.07
C LEU A 74 -11.54 8.43 -0.10
N ALA A 75 -12.84 8.15 0.11
CA ALA A 75 -13.32 6.78 -0.01
C ALA A 75 -13.16 6.27 -1.44
N ASP A 76 -13.49 7.10 -2.42
CA ASP A 76 -13.28 6.71 -3.81
C ASP A 76 -11.80 6.60 -4.14
N LEU A 77 -10.97 7.44 -3.52
CA LEU A 77 -9.53 7.35 -3.74
C LEU A 77 -8.97 6.04 -3.22
N VAL A 78 -9.37 5.64 -2.01
CA VAL A 78 -8.93 4.37 -1.45
C VAL A 78 -9.50 3.22 -2.26
N SER A 79 -10.78 3.30 -2.62
CA SER A 79 -11.39 2.27 -3.46
C SER A 79 -10.64 2.11 -4.77
N TYR A 80 -10.27 3.22 -5.40
CA TYR A 80 -9.47 3.17 -6.61
C TYR A 80 -8.11 2.55 -6.35
N SER A 81 -7.48 2.90 -5.23
CA SER A 81 -6.15 2.38 -4.92
C SER A 81 -6.19 0.88 -4.66
N ILE A 82 -7.23 0.39 -3.99
CA ILE A 82 -7.35 -1.04 -3.74
C ILE A 82 -7.36 -1.81 -5.04
N GLN A 83 -8.06 -1.31 -6.05
CA GLN A 83 -8.08 -1.97 -7.35
C GLN A 83 -6.69 -2.04 -7.96
N LYS A 84 -5.92 -0.96 -7.86
CA LYS A 84 -4.57 -0.96 -8.42
C LYS A 84 -3.66 -1.92 -7.68
N VAL A 85 -3.83 -2.04 -6.36
CA VAL A 85 -3.00 -2.94 -5.57
C VAL A 85 -3.30 -4.39 -5.93
N ILE A 86 -4.57 -4.71 -6.18
CA ILE A 86 -4.93 -6.06 -6.60
C ILE A 86 -4.30 -6.38 -7.95
N GLY A 87 -4.38 -5.44 -8.89
CA GLY A 87 -3.76 -5.65 -10.19
C GLY A 87 -2.26 -5.83 -10.10
N PHE A 88 -1.60 -5.03 -9.26
CA PHE A 88 -0.17 -5.17 -9.06
C PHE A 88 0.17 -6.50 -8.39
N ALA A 89 -0.62 -6.90 -7.39
CA ALA A 89 -0.34 -8.15 -6.69
C ALA A 89 -0.50 -9.36 -7.61
N LYS A 90 -1.43 -9.30 -8.56
CA LYS A 90 -1.65 -10.43 -9.46
C LYS A 90 -0.44 -10.66 -10.36
N MET A 91 0.38 -9.63 -10.60
CA MET A 91 1.54 -9.74 -11.47
C MET A 91 2.83 -9.99 -10.70
N ILE A 92 2.74 -10.26 -9.40
CA ILE A 92 3.93 -10.61 -8.62
C ILE A 92 4.32 -12.05 -8.93
N PRO A 93 5.57 -12.33 -9.26
CA PRO A 93 5.97 -13.72 -9.60
C PRO A 93 5.70 -14.67 -8.44
N GLY A 94 4.83 -15.65 -8.69
CA GLY A 94 4.48 -16.64 -7.71
C GLY A 94 3.18 -16.40 -6.98
N PHE A 95 2.61 -15.20 -7.09
CA PHE A 95 1.38 -14.90 -6.36
C PHE A 95 0.23 -15.78 -6.83
N ARG A 96 0.16 -16.07 -8.13
CA ARG A 96 -0.93 -16.88 -8.66
C ARG A 96 -0.82 -18.35 -8.27
N ASP A 97 0.36 -18.78 -7.80
CA ASP A 97 0.51 -20.16 -7.33
C ASP A 97 -0.19 -20.41 -6.00
N LEU A 98 -0.59 -19.35 -5.29
CA LEU A 98 -1.31 -19.50 -4.04
C LEU A 98 -2.77 -19.84 -4.30
N THR A 99 -3.41 -20.40 -3.26
CA THR A 99 -4.84 -20.63 -3.33
C THR A 99 -5.59 -19.30 -3.25
N SER A 100 -6.84 -19.32 -3.67
CA SER A 100 -7.65 -18.10 -3.66
C SER A 100 -7.82 -17.56 -2.25
N ASP A 101 -7.93 -18.45 -1.26
CA ASP A 101 -8.06 -18.01 0.12
C ASP A 101 -6.82 -17.27 0.59
N ASP A 102 -5.63 -17.74 0.18
CA ASP A 102 -4.40 -17.09 0.59
C ASP A 102 -4.20 -15.77 -0.13
N GLN A 103 -4.60 -15.70 -1.41
CA GLN A 103 -4.54 -14.43 -2.14
C GLN A 103 -5.46 -13.39 -1.50
N ILE A 104 -6.64 -13.81 -1.06
CA ILE A 104 -7.57 -12.90 -0.40
C ILE A 104 -7.01 -12.45 0.95
N VAL A 105 -6.48 -13.40 1.72
CA VAL A 105 -5.95 -13.08 3.05
C VAL A 105 -4.80 -12.08 2.93
N LEU A 106 -3.87 -12.33 2.01
CA LEU A 106 -2.72 -11.45 1.86
C LEU A 106 -3.13 -10.05 1.42
N LEU A 107 -4.15 -9.95 0.56
CA LEU A 107 -4.56 -8.65 0.07
C LEU A 107 -5.41 -7.88 1.08
N LYS A 108 -6.23 -8.58 1.86
CA LYS A 108 -7.05 -7.90 2.86
C LYS A 108 -6.18 -7.25 3.94
N SER A 109 -5.07 -7.89 4.30
CA SER A 109 -4.22 -7.40 5.37
C SER A 109 -3.10 -6.49 4.88
N SER A 110 -2.81 -6.46 3.58
CA SER A 110 -1.72 -5.65 3.06
C SER A 110 -2.18 -4.44 2.26
N ALA A 111 -3.46 -4.39 1.86
CA ALA A 111 -3.93 -3.31 1.00
C ALA A 111 -3.67 -1.95 1.63
N ILE A 112 -3.95 -1.81 2.93
CA ILE A 112 -3.74 -0.54 3.61
C ILE A 112 -2.25 -0.18 3.63
N GLU A 113 -1.39 -1.18 3.76
CA GLU A 113 0.05 -0.91 3.83
C GLU A 113 0.61 -0.54 2.47
N VAL A 114 0.16 -1.21 1.40
CA VAL A 114 0.63 -0.91 0.06
C VAL A 114 0.15 0.47 -0.38
N ILE A 115 -1.08 0.83 -0.01
CA ILE A 115 -1.60 2.17 -0.31
C ILE A 115 -0.71 3.23 0.31
N MET A 116 -0.34 3.04 1.58
CA MET A 116 0.57 3.99 2.23
C MET A 116 1.94 3.99 1.59
N LEU A 117 2.40 2.83 1.11
CA LEU A 117 3.70 2.75 0.45
C LEU A 117 3.66 3.45 -0.91
N ARG A 118 2.69 3.11 -1.76
CA ARG A 118 2.62 3.67 -3.09
C ARG A 118 2.25 5.15 -3.08
N SER A 119 1.64 5.64 -2.00
CA SER A 119 1.33 7.06 -1.89
C SER A 119 2.58 7.92 -1.70
N ASN A 120 3.72 7.31 -1.36
CA ASN A 120 4.95 8.08 -1.18
C ASN A 120 5.41 8.71 -2.49
N GLN A 121 5.02 8.12 -3.63
CA GLN A 121 5.42 8.66 -4.92
C GLN A 121 4.85 10.05 -5.16
N SER A 122 3.70 10.34 -4.56
CA SER A 122 3.08 11.66 -4.68
C SER A 122 3.31 12.53 -3.45
N PHE A 123 4.02 12.02 -2.45
CA PHE A 123 4.26 12.79 -1.23
C PHE A 123 5.40 13.78 -1.44
N THR A 124 5.13 15.06 -1.17
CA THR A 124 6.13 16.11 -1.22
C THR A 124 6.36 16.65 0.18
N MET A 125 7.62 16.90 0.51
CA MET A 125 7.99 17.35 1.85
C MET A 125 8.05 18.86 1.97
N ASP A 126 7.61 19.60 0.95
CA ASP A 126 7.45 21.03 1.09
C ASP A 126 6.39 21.36 2.15
N ASP A 127 5.16 20.90 1.93
CA ASP A 127 4.05 21.16 2.82
C ASP A 127 3.52 19.90 3.49
N MET A 128 4.27 18.80 3.43
N MET A 128 4.27 18.80 3.45
CA MET A 128 3.89 17.53 4.07
CA MET A 128 3.87 17.54 4.10
C MET A 128 2.53 17.06 3.58
C MET A 128 2.52 17.05 3.58
N SER A 129 2.39 16.97 2.26
CA SER A 129 1.12 16.62 1.63
C SER A 129 1.35 15.70 0.45
N TRP A 130 0.27 15.04 0.03
CA TRP A 130 0.26 14.21 -1.17
C TRP A 130 -0.23 15.06 -2.34
N ASP A 131 0.68 15.42 -3.23
CA ASP A 131 0.36 16.25 -4.39
C ASP A 131 0.11 15.35 -5.60
N CYS A 132 -1.12 15.38 -6.10
CA CYS A 132 -1.50 14.54 -7.23
C CYS A 132 -2.04 15.36 -8.40
N GLY A 133 -1.31 16.38 -8.81
CA GLY A 133 -1.69 17.13 -10.00
C GLY A 133 -2.19 18.54 -9.76
N SER A 134 -3.33 18.66 -9.09
CA SER A 134 -3.97 19.94 -8.84
C SER A 134 -4.00 20.23 -7.34
N GLN A 135 -4.49 21.43 -7.00
CA GLN A 135 -4.74 21.73 -5.59
C GLN A 135 -6.03 21.09 -5.10
N ASP A 136 -6.98 20.86 -6.00
CA ASP A 136 -8.14 20.04 -5.66
C ASP A 136 -7.69 18.65 -5.20
N TYR A 137 -6.75 18.05 -5.92
CA TYR A 137 -6.27 16.70 -5.63
C TYR A 137 -4.94 16.73 -4.89
N LYS A 138 -4.78 17.69 -3.98
CA LYS A 138 -3.64 17.78 -3.08
C LYS A 138 -4.14 17.68 -1.66
N TYR A 139 -3.72 16.64 -0.95
CA TYR A 139 -4.28 16.28 0.34
C TYR A 139 -3.24 16.45 1.44
N ASP A 140 -3.59 17.14 2.51
CA ASP A 140 -2.71 17.41 3.62
C ASP A 140 -3.26 16.79 4.90
N VAL A 141 -2.71 17.21 6.04
CA VAL A 141 -3.10 16.62 7.32
C VAL A 141 -4.57 16.90 7.63
N THR A 142 -5.04 18.11 7.30
CA THR A 142 -6.43 18.44 7.56
C THR A 142 -7.37 17.62 6.69
N ASP A 143 -6.97 17.35 5.44
CA ASP A 143 -7.81 16.57 4.54
C ASP A 143 -8.05 15.17 5.07
N VAL A 144 -7.01 14.55 5.64
CA VAL A 144 -7.20 13.23 6.24
C VAL A 144 -8.09 13.31 7.47
N SER A 145 -8.02 14.41 8.20
CA SER A 145 -8.89 14.57 9.37
C SER A 145 -10.35 14.74 8.96
N LYS A 146 -10.60 15.36 7.80
CA LYS A 146 -11.97 15.47 7.31
C LYS A 146 -12.50 14.14 6.77
N ALA A 147 -11.76 13.04 6.95
CA ALA A 147 -12.25 11.71 6.63
C ALA A 147 -12.56 10.89 7.86
N GLY A 148 -12.37 11.45 9.06
CA GLY A 148 -12.71 10.80 10.30
C GLY A 148 -11.53 10.31 11.12
N HIS A 149 -10.29 10.55 10.68
CA HIS A 149 -9.12 10.03 11.35
C HIS A 149 -8.52 11.07 12.30
N THR A 150 -8.04 10.61 13.45
CA THR A 150 -7.40 11.46 14.43
C THR A 150 -5.90 11.53 14.15
N LEU A 151 -5.19 12.36 14.92
CA LEU A 151 -3.75 12.48 14.76
C LEU A 151 -2.99 11.31 15.37
N GLU A 152 -3.66 10.43 16.09
CA GLU A 152 -3.03 9.18 16.52
C GLU A 152 -2.57 8.35 15.32
N LEU A 153 -3.19 8.55 14.16
CA LEU A 153 -2.79 7.91 12.92
C LEU A 153 -2.08 8.85 11.95
N ILE A 154 -2.56 10.08 11.83
CA ILE A 154 -2.01 11.00 10.83
C ILE A 154 -0.57 11.36 11.16
N GLU A 155 -0.28 11.66 12.43
CA GLU A 155 1.08 12.02 12.79
C GLU A 155 2.09 10.91 12.54
N PRO A 156 1.86 9.66 12.96
CA PRO A 156 2.80 8.60 12.57
C PRO A 156 2.82 8.33 11.07
N LEU A 157 1.72 8.57 10.37
CA LEU A 157 1.71 8.39 8.93
C LEU A 157 2.60 9.42 8.24
N ILE A 158 2.55 10.69 8.69
CA ILE A 158 3.41 11.72 8.12
C ILE A 158 4.87 11.40 8.41
N LYS A 159 5.18 10.97 9.64
CA LYS A 159 6.54 10.57 9.98
C LYS A 159 7.00 9.42 9.09
N PHE A 160 6.09 8.50 8.77
CA PHE A 160 6.44 7.39 7.89
C PHE A 160 6.75 7.88 6.48
N GLN A 161 5.94 8.81 5.96
CA GLN A 161 6.13 9.29 4.59
C GLN A 161 7.44 10.04 4.45
N VAL A 162 7.83 10.79 5.48
CA VAL A 162 9.08 11.55 5.44
C VAL A 162 10.28 10.61 5.51
N GLY A 163 10.27 9.69 6.47
CA GLY A 163 11.36 8.73 6.57
C GLY A 163 11.49 7.85 5.35
N LEU A 164 10.36 7.52 4.72
CA LEU A 164 10.41 6.75 3.48
C LEU A 164 10.96 7.59 2.33
N LYS A 165 10.53 8.85 2.25
CA LYS A 165 11.04 9.73 1.20
C LYS A 165 12.53 10.02 1.36
N LYS A 166 13.01 10.08 2.61
N LYS A 166 13.01 10.08 2.61
CA LYS A 166 14.42 10.35 2.84
CA LYS A 166 14.42 10.34 2.85
C LYS A 166 15.31 9.17 2.45
C LYS A 166 15.30 9.17 2.43
N LEU A 167 14.74 7.98 2.28
CA LEU A 167 15.53 6.83 1.87
C LEU A 167 15.94 6.91 0.41
N ASN A 168 15.23 7.70 -0.40
CA ASN A 168 15.59 7.94 -1.81
C ASN A 168 15.70 6.62 -2.58
N LEU A 169 14.64 5.82 -2.49
CA LEU A 169 14.66 4.50 -3.13
C LEU A 169 14.56 4.62 -4.64
N HIS A 170 15.25 3.72 -5.34
CA HIS A 170 15.01 3.54 -6.76
C HIS A 170 13.64 2.93 -6.98
N GLU A 171 13.16 3.00 -8.22
CA GLU A 171 11.88 2.37 -8.54
C GLU A 171 11.97 0.86 -8.38
N GLU A 172 13.16 0.29 -8.54
CA GLU A 172 13.33 -1.15 -8.34
C GLU A 172 13.15 -1.53 -6.88
N GLU A 173 13.78 -0.78 -5.97
CA GLU A 173 13.61 -1.06 -4.55
C GLU A 173 12.21 -0.73 -4.08
N HIS A 174 11.55 0.25 -4.73
CA HIS A 174 10.19 0.61 -4.35
C HIS A 174 9.22 -0.52 -4.67
N VAL A 175 9.32 -1.10 -5.87
CA VAL A 175 8.38 -2.14 -6.26
C VAL A 175 8.68 -3.45 -5.54
N LEU A 176 9.96 -3.72 -5.23
CA LEU A 176 10.30 -4.92 -4.48
C LEU A 176 9.78 -4.85 -3.06
N LEU A 177 9.82 -3.66 -2.46
CA LEU A 177 9.29 -3.49 -1.10
C LEU A 177 7.78 -3.68 -1.08
N MET A 178 7.08 -3.26 -2.15
CA MET A 178 5.64 -3.45 -2.20
C MET A 178 5.29 -4.93 -2.34
N ALA A 179 6.04 -5.66 -3.16
CA ALA A 179 5.77 -7.09 -3.34
C ALA A 179 6.11 -7.88 -2.09
N ILE A 180 7.22 -7.54 -1.42
CA ILE A 180 7.56 -8.20 -0.16
C ILE A 180 6.51 -7.89 0.90
N CYS A 181 5.99 -6.66 0.89
CA CYS A 181 4.91 -6.30 1.81
C CYS A 181 3.68 -7.18 1.61
N ILE A 182 3.33 -7.47 0.35
CA ILE A 182 2.11 -8.23 0.09
C ILE A 182 2.31 -9.70 0.45
N VAL A 183 3.40 -10.30 -0.02
CA VAL A 183 3.66 -11.72 0.21
C VAL A 183 4.36 -11.89 1.55
N SER A 184 3.61 -11.72 2.64
N SER A 184 3.61 -11.73 2.64
CA SER A 184 4.15 -11.88 3.98
CA SER A 184 4.15 -11.88 3.98
C SER A 184 3.61 -13.14 4.62
C SER A 184 3.60 -13.14 4.63
N PRO A 185 4.47 -14.01 5.17
CA PRO A 185 3.97 -15.26 5.76
C PRO A 185 3.31 -15.06 7.11
N ASP A 186 3.59 -13.98 7.82
CA ASP A 186 3.04 -13.76 9.16
C ASP A 186 1.78 -12.90 9.12
N ARG A 187 0.88 -13.22 8.20
CA ARG A 187 -0.44 -12.59 8.20
C ARG A 187 -1.46 -13.54 8.81
N PRO A 188 -2.39 -13.02 9.60
CA PRO A 188 -3.41 -13.89 10.21
C PRO A 188 -4.30 -14.52 9.15
N GLY A 189 -4.44 -15.83 9.20
CA GLY A 189 -5.30 -16.56 8.29
C GLY A 189 -4.59 -17.21 7.11
N VAL A 190 -3.27 -17.13 7.04
CA VAL A 190 -2.54 -17.71 5.92
C VAL A 190 -2.53 -19.24 6.06
N GLN A 191 -2.91 -19.92 4.98
CA GLN A 191 -2.91 -21.39 4.99
C GLN A 191 -1.51 -21.93 4.70
N ASP A 192 -1.02 -21.74 3.48
CA ASP A 192 0.29 -22.25 3.08
C ASP A 192 1.34 -21.20 3.40
N ALA A 193 1.71 -21.13 4.68
CA ALA A 193 2.70 -20.16 5.12
C ALA A 193 4.08 -20.45 4.54
N LYS A 194 4.41 -21.72 4.36
CA LYS A 194 5.72 -22.07 3.79
C LYS A 194 5.82 -21.62 2.34
N LEU A 195 4.74 -21.76 1.58
CA LEU A 195 4.75 -21.32 0.18
C LEU A 195 4.86 -19.80 0.09
N VAL A 196 4.13 -19.08 0.94
CA VAL A 196 4.24 -17.62 0.98
C VAL A 196 5.66 -17.21 1.38
N GLU A 197 6.27 -17.94 2.31
CA GLU A 197 7.63 -17.63 2.72
C GLU A 197 8.62 -17.87 1.58
N ALA A 198 8.44 -18.96 0.82
CA ALA A 198 9.35 -19.25 -0.28
C ALA A 198 9.28 -18.17 -1.36
N ILE A 199 8.07 -17.65 -1.62
CA ILE A 199 7.93 -16.59 -2.61
C ILE A 199 8.56 -15.30 -2.10
N GLN A 200 8.35 -14.97 -0.83
CA GLN A 200 8.95 -13.76 -0.25
C GLN A 200 10.46 -13.86 -0.19
N ASP A 201 11.00 -15.07 0.02
CA ASP A 201 12.45 -15.23 0.08
C ASP A 201 13.10 -14.89 -1.24
N ARG A 202 12.48 -15.30 -2.35
N ARG A 202 12.48 -15.29 -2.35
CA ARG A 202 13.02 -14.97 -3.67
CA ARG A 202 13.03 -14.97 -3.66
C ARG A 202 12.98 -13.46 -3.91
C ARG A 202 12.97 -13.47 -3.93
N LEU A 203 11.90 -12.81 -3.49
CA LEU A 203 11.81 -11.36 -3.66
C LEU A 203 12.79 -10.65 -2.73
N SER A 204 13.05 -11.20 -1.54
CA SER A 204 13.99 -10.58 -0.62
C SER A 204 15.43 -10.72 -1.14
N ASN A 205 15.80 -11.92 -1.59
CA ASN A 205 17.13 -12.13 -2.15
C ASN A 205 17.35 -11.24 -3.37
N THR A 206 16.30 -11.05 -4.18
CA THR A 206 16.39 -10.13 -5.30
C THR A 206 16.63 -8.70 -4.82
N LEU A 207 15.99 -8.31 -3.73
CA LEU A 207 16.17 -6.97 -3.19
C LEU A 207 17.55 -6.80 -2.59
N GLN A 208 18.02 -7.80 -1.82
CA GLN A 208 19.33 -7.69 -1.18
C GLN A 208 20.45 -7.65 -2.22
N THR A 209 20.29 -8.39 -3.32
CA THR A 209 21.33 -8.39 -4.35
C THR A 209 21.35 -7.07 -5.10
N TYR A 210 20.17 -6.49 -5.36
CA TYR A 210 20.11 -5.20 -6.04
C TYR A 210 20.78 -4.11 -5.21
N ILE A 211 20.57 -4.13 -3.89
CA ILE A 211 21.19 -3.13 -3.03
C ILE A 211 22.71 -3.28 -3.04
N ARG A 212 23.19 -4.52 -3.10
CA ARG A 212 24.63 -4.75 -3.16
C ARG A 212 25.21 -4.33 -4.51
N CYS A 213 24.42 -4.41 -5.57
CA CYS A 213 24.89 -3.99 -6.89
C CYS A 213 24.97 -2.48 -7.01
N ARG A 214 24.35 -1.74 -6.09
CA ARG A 214 24.31 -0.28 -6.16
C ARG A 214 25.01 0.41 -5.00
N HIS A 215 25.16 -0.24 -3.85
CA HIS A 215 25.73 0.40 -2.67
C HIS A 215 26.76 -0.53 -2.03
N PRO A 216 27.99 -0.08 -1.82
CA PRO A 216 28.97 -0.90 -1.11
C PRO A 216 28.65 -0.96 0.38
N PRO A 217 29.17 -1.96 1.09
CA PRO A 217 28.96 -2.03 2.54
C PRO A 217 29.71 -0.92 3.25
N PRO A 218 29.28 -0.54 4.47
CA PRO A 218 28.12 -1.09 5.19
C PRO A 218 26.81 -0.39 4.84
N GLY A 219 26.87 0.54 3.89
CA GLY A 219 25.66 1.28 3.52
C GLY A 219 24.57 0.40 2.96
N SER A 220 24.94 -0.71 2.31
CA SER A 220 23.95 -1.63 1.78
C SER A 220 23.12 -2.25 2.90
N HIS A 221 23.78 -2.68 3.98
CA HIS A 221 23.05 -3.24 5.12
C HIS A 221 22.20 -2.19 5.81
N GLN A 222 22.73 -0.98 5.94
CA GLN A 222 21.98 0.10 6.59
C GLN A 222 20.72 0.43 5.79
N LEU A 223 20.81 0.42 4.46
CA LEU A 223 19.63 0.67 3.64
C LEU A 223 18.61 -0.46 3.78
N TYR A 224 19.06 -1.70 3.68
CA TYR A 224 18.15 -2.84 3.80
C TYR A 224 17.55 -2.93 5.19
N ALA A 225 18.30 -2.55 6.23
CA ALA A 225 17.76 -2.56 7.58
C ALA A 225 16.68 -1.50 7.75
N LYS A 226 16.86 -0.33 7.12
CA LYS A 226 15.84 0.70 7.18
C LYS A 226 14.59 0.32 6.38
N MET A 227 14.77 -0.40 5.27
CA MET A 227 13.62 -0.83 4.48
C MET A 227 12.76 -1.82 5.25
N ILE A 228 13.40 -2.77 5.95
CA ILE A 228 12.64 -3.75 6.74
C ILE A 228 11.99 -3.06 7.94
N GLN A 229 12.64 -2.04 8.50
CA GLN A 229 12.04 -1.27 9.57
C GLN A 229 10.78 -0.56 9.10
N LYS A 230 10.76 -0.10 7.85
CA LYS A 230 9.56 0.51 7.30
C LYS A 230 8.42 -0.50 7.18
N LEU A 231 8.74 -1.76 6.89
CA LEU A 231 7.72 -2.80 6.88
C LEU A 231 7.17 -3.03 8.28
N ALA A 232 8.02 -2.91 9.31
CA ALA A 232 7.55 -3.03 10.68
C ALA A 232 6.68 -1.85 11.08
N ASP A 233 7.05 -0.64 10.65
CA ASP A 233 6.21 0.52 10.91
C ASP A 233 4.86 0.41 10.23
N LEU A 234 4.81 -0.26 9.08
CA LEU A 234 3.54 -0.43 8.37
C LEU A 234 2.57 -1.28 9.17
N ARG A 235 3.09 -2.29 9.88
CA ARG A 235 2.23 -3.10 10.75
C ARG A 235 1.62 -2.27 11.85
N SER A 236 2.39 -1.34 12.43
CA SER A 236 1.85 -0.43 13.43
C SER A 236 0.82 0.50 12.83
N LEU A 237 1.10 1.06 11.65
CA LEU A 237 0.13 1.92 10.97
C LEU A 237 -1.10 1.12 10.55
N ASN A 238 -0.92 -0.16 10.21
CA ASN A 238 -2.06 -1.01 9.88
C ASN A 238 -3.00 -1.16 11.07
N GLU A 239 -2.42 -1.41 12.26
N GLU A 239 -2.43 -1.39 12.27
CA GLU A 239 -3.25 -1.60 13.45
CA GLU A 239 -3.26 -1.60 13.44
C GLU A 239 -4.00 -0.33 13.81
C GLU A 239 -3.99 -0.33 13.85
N GLU A 240 -3.36 0.83 13.68
CA GLU A 240 -4.01 2.08 14.05
C GLU A 240 -5.12 2.43 13.08
N HIS A 241 -4.91 2.23 11.78
CA HIS A 241 -5.96 2.51 10.81
C HIS A 241 -7.13 1.55 10.98
N SER A 242 -6.84 0.27 11.23
N SER A 242 -6.84 0.27 11.24
CA SER A 242 -7.91 -0.71 11.46
CA SER A 242 -7.91 -0.71 11.46
C SER A 242 -8.73 -0.31 12.67
C SER A 242 -8.73 -0.36 12.69
N LYS A 243 -8.09 0.18 13.72
CA LYS A 243 -8.80 0.59 14.93
C LYS A 243 -9.75 1.74 14.63
N GLN A 244 -9.28 2.74 13.89
CA GLN A 244 -10.11 3.89 13.58
C GLN A 244 -11.12 3.58 12.48
N TYR A 245 -10.80 2.66 11.56
CA TYR A 245 -11.76 2.29 10.53
C TYR A 245 -12.95 1.56 11.13
N ARG A 246 -12.70 0.68 12.11
N ARG A 246 -12.70 0.68 12.12
CA ARG A 246 -13.80 0.01 12.80
CA ARG A 246 -13.80 0.01 12.80
C ARG A 246 -14.69 1.02 13.52
C ARG A 246 -14.69 1.00 13.53
N SER A 247 -14.08 2.03 14.13
CA SER A 247 -14.87 3.04 14.82
C SER A 247 -15.71 3.86 13.84
N LEU A 248 -15.18 4.14 12.65
CA LEU A 248 -15.91 4.96 11.70
C LEU A 248 -16.96 4.15 10.94
N SER A 249 -16.57 2.97 10.44
CA SER A 249 -17.49 2.16 9.65
C SER A 249 -18.64 1.60 10.48
N PHE A 250 -18.49 1.52 11.80
CA PHE A 250 -19.59 1.06 12.64
C PHE A 250 -20.76 2.04 12.59
N GLN A 251 -20.49 3.31 12.34
CA GLN A 251 -21.55 4.30 12.20
C GLN A 251 -22.15 4.20 10.80
N PRO A 252 -23.45 3.91 10.66
CA PRO A 252 -24.02 3.71 9.32
C PRO A 252 -23.94 4.94 8.44
N GLU A 253 -23.98 6.14 9.00
CA GLU A 253 -23.89 7.35 8.19
C GLU A 253 -22.51 7.49 7.56
N ASN A 254 -21.47 6.90 8.16
CA ASN A 254 -20.15 6.92 7.58
C ASN A 254 -19.97 5.81 6.55
N SER A 255 -20.37 4.58 6.90
CA SER A 255 -20.27 3.47 5.96
C SER A 255 -21.19 3.65 4.77
N MET A 256 -22.21 4.50 4.89
CA MET A 256 -23.04 4.83 3.74
C MET A 256 -22.24 5.55 2.66
N LYS A 257 -21.23 6.31 3.07
CA LYS A 257 -20.42 7.08 2.13
C LYS A 257 -19.21 6.31 1.61
N LEU A 258 -19.01 5.08 2.06
CA LEU A 258 -17.91 4.26 1.55
C LEU A 258 -18.32 3.62 0.24
N THR A 259 -17.43 2.80 -0.32
CA THR A 259 -17.69 2.05 -1.54
C THR A 259 -17.90 0.58 -1.22
N PRO A 260 -18.57 -0.16 -2.09
CA PRO A 260 -18.73 -1.61 -1.83
C PRO A 260 -17.42 -2.36 -1.75
N LEU A 261 -16.42 -1.97 -2.56
CA LEU A 261 -15.13 -2.65 -2.50
C LEU A 261 -14.42 -2.39 -1.19
N VAL A 262 -14.48 -1.15 -0.68
CA VAL A 262 -13.85 -0.84 0.59
C VAL A 262 -14.51 -1.62 1.72
N LEU A 263 -15.85 -1.69 1.71
CA LEU A 263 -16.53 -2.41 2.77
C LEU A 263 -16.21 -3.91 2.73
N GLU A 264 -16.03 -4.46 1.54
CA GLU A 264 -15.70 -5.87 1.41
C GLU A 264 -14.25 -6.14 1.80
N VAL A 265 -13.32 -5.30 1.33
CA VAL A 265 -11.91 -5.56 1.55
C VAL A 265 -11.50 -5.22 2.98
N PHE A 266 -11.94 -4.07 3.48
CA PHE A 266 -11.55 -3.63 4.82
C PHE A 266 -12.43 -4.20 5.93
N GLY A 267 -13.45 -4.99 5.59
CA GLY A 267 -14.39 -5.50 6.56
C GLY A 267 -14.12 -6.93 6.96
N ASN A 268 -13.89 -7.15 8.24
CA ASN A 268 -13.69 -8.49 8.78
C ASN A 268 -13.89 -8.50 10.29
N LYS B 1 -17.20 -14.74 5.79
CA LYS B 1 -17.98 -14.14 4.73
C LYS B 1 -17.33 -14.38 3.36
N ASN B 2 -18.08 -14.11 2.31
CA ASN B 2 -17.58 -14.24 0.94
C ASN B 2 -17.14 -12.87 0.42
N HIS B 3 -16.21 -12.91 -0.53
CA HIS B 3 -15.65 -11.70 -1.14
C HIS B 3 -15.84 -11.77 -2.66
N PRO B 4 -17.07 -11.59 -3.14
CA PRO B 4 -17.29 -11.71 -4.59
C PRO B 4 -16.59 -10.64 -5.41
N MET B 5 -16.53 -9.41 -4.91
CA MET B 5 -15.86 -8.35 -5.66
C MET B 5 -14.35 -8.52 -5.65
N LEU B 6 -13.80 -9.00 -4.54
CA LEU B 6 -12.37 -9.32 -4.50
C LEU B 6 -12.04 -10.49 -5.43
N MET B 7 -12.89 -11.51 -5.46
CA MET B 7 -12.66 -12.65 -6.33
C MET B 7 -12.74 -12.26 -7.80
N ASN B 8 -13.68 -11.39 -8.15
CA ASN B 8 -13.80 -10.95 -9.54
C ASN B 8 -12.58 -10.16 -9.97
N LEU B 9 -12.04 -9.33 -9.07
CA LEU B 9 -10.81 -8.60 -9.38
C LEU B 9 -9.59 -9.51 -9.41
N LEU B 10 -9.63 -10.65 -8.70
CA LEU B 10 -8.60 -11.68 -8.81
C LEU B 10 -8.84 -12.62 -9.98
N LYS B 11 -9.31 -12.08 -11.10
CA LYS B 11 -9.68 -12.88 -12.27
C LYS B 11 -10.72 -13.94 -11.94
C10 A1L7Y C . -6.44 6.01 3.41
C13 A1L7Y C . -6.45 8.68 2.93
C15 A1L7Y C . -2.36 7.74 2.73
C20 A1L7Y C . -3.26 6.22 -6.74
C21 A1L7Y C . -2.45 6.39 -8.03
C22 A1L7Y C . -2.72 5.31 -9.09
C24 A1L7Y C . -10.74 5.67 5.33
C26 A1L7Y C . -12.03 6.41 5.75
C28 A1L7Y C . -12.92 5.54 6.59
C01 A1L7Y C . -4.28 7.00 -1.93
C02 A1L7Y C . -3.54 7.84 -2.72
C03 A1L7Y C . -2.90 8.89 -2.11
C04 A1L7Y C . -2.97 9.11 -0.76
C05 A1L7Y C . -3.71 8.28 0.02
C06 A1L7Y C . -4.35 7.22 -0.56
C08 A1L7Y C . -5.35 7.93 2.63
C09 A1L7Y C . -5.34 6.59 2.88
C11 A1L7Y C . -7.57 6.73 3.73
C12 A1L7Y C . -7.57 8.08 3.49
C14 A1L7Y C . -3.65 10.44 2.22
C18 A1L7Y C . -2.26 7.25 -4.61
C19 A1L7Y C . -2.31 6.05 -5.56
C23 A1L7Y C . -9.70 6.66 4.84
C25 A1L7Y C . -11.15 4.65 4.23
C27 A1L7Y C . -11.97 5.37 3.17
O16 A1L7Y C . -8.63 6.02 4.27
O17 A1L7Y C . -3.49 7.60 -4.09
O29 A1L7Y C . -10.26 5.00 6.41
O30 A1L7Y C . -2.80 4.14 -8.72
O33 A1L7Y C . -2.86 5.62 -10.28
O34 A1L7Y C . -2.69 4.94 -4.86
CL31 A1L7Y C . -1.90 10.04 -2.97
CL32 A1L7Y C . -6.38 4.29 3.66
SI07 A1L7Y C . -3.78 8.61 1.89
#